data_4KTL
#
_entry.id   4KTL
#
_cell.length_a   77.789
_cell.length_b   77.789
_cell.length_c   264.241
_cell.angle_alpha   90.00
_cell.angle_beta   90.00
_cell.angle_gamma   120.00
#
_symmetry.space_group_name_H-M   'P 65 2 2'
#
loop_
_entity.id
_entity.type
_entity.pdbx_description
1 polymer 'Cytochrome P450 121'
2 non-polymer 'PROTOPORPHYRIN IX CONTAINING FE'
3 non-polymer 'SULFATE ION'
4 non-polymer "4,4'-{3-[(4-hydroxyphenyl)amino]-1H-pyrazole-4,5-diyl}diphenol"
5 water water
#
_entity_poly.entity_id   1
_entity_poly.type   'polypeptide(L)'
_entity_poly.pdbx_seq_one_letter_code
;TATVLLEVPFSARGDRIPDAVAELRTREPIRKVRTITGAEAWLVSSYALCTQVLEDRRFSMKETAAAGAPRLNALTVPPE
VVNNMGNIADAGLRKAVMKAITPKAPGLEQFLRDTANSLLDNLITEGAPADLRNDFADPLATALHCKVLGIPQEDGPKLF
RSLSIAFMSSADPIPAAKINWDRDIEYMAGILENPNITTGLMGELSRLRKDPAYSHVSDELFATIGVTFFGAGVISTGSF
LTTALISLIQRPQLRNLLHEKPELIPAGVEELLRINLSFADGLPRLATADIQVGDVLVRKGELVLVLLEGANFDPEHFPN
PGSIELDRPNPTSHLAFGRGQHFCPGSALGRRHAQIGIEALLKKMPGVDLAVPIDQLVWRTRFQRRIPERLPVLW
;
_entity_poly.pdbx_strand_id   A
#
# COMPACT_ATOMS: atom_id res chain seq x y z
CA ALA A 2 4.14 -12.14 35.12
C ALA A 2 3.41 -12.04 33.77
N THR A 3 3.84 -11.11 32.91
CA THR A 3 3.35 -11.00 31.52
C THR A 3 4.47 -11.33 30.53
N VAL A 4 4.07 -11.46 29.26
CA VAL A 4 4.98 -11.70 28.15
C VAL A 4 5.35 -10.34 27.44
N LEU A 5 6.38 -10.37 26.60
CA LEU A 5 6.84 -9.18 25.86
C LEU A 5 5.68 -8.71 25.00
N LEU A 6 5.45 -7.42 24.87
CA LEU A 6 4.37 -6.90 24.01
C LEU A 6 4.40 -7.47 22.62
N GLU A 7 3.25 -7.87 22.10
CA GLU A 7 3.19 -8.54 20.79
C GLU A 7 2.70 -7.53 19.72
N VAL A 8 3.19 -7.65 18.49
CA VAL A 8 2.65 -6.93 17.35
C VAL A 8 2.12 -7.94 16.31
N PRO A 9 1.15 -7.51 15.52
CA PRO A 9 0.49 -6.16 15.61
C PRO A 9 -0.55 -6.01 16.70
N PHE A 10 -0.91 -4.80 17.08
CA PHE A 10 -1.87 -4.58 18.15
C PHE A 10 -3.32 -4.83 17.79
N SER A 11 -3.77 -4.42 16.62
CA SER A 11 -5.18 -4.55 16.20
C SER A 11 -5.25 -4.52 14.70
N ALA A 12 -6.00 -5.42 14.09
CA ALA A 12 -6.26 -5.39 12.67
C ALA A 12 -7.29 -4.34 12.27
N ARG A 13 -7.93 -3.65 13.23
CA ARG A 13 -8.93 -2.62 12.85
C ARG A 13 -8.36 -1.45 12.16
N GLY A 14 -8.92 -1.09 10.99
CA GLY A 14 -8.35 -0.06 10.17
C GLY A 14 -9.14 1.23 10.29
N ASP A 15 -10.11 1.28 11.22
CA ASP A 15 -10.98 2.49 11.31
C ASP A 15 -10.66 3.27 12.58
N ARG A 16 -9.75 2.81 13.42
CA ARG A 16 -9.39 3.52 14.65
C ARG A 16 -8.03 3.20 15.07
N ILE A 17 -7.27 4.20 15.54
CA ILE A 17 -5.93 3.89 16.06
C ILE A 17 -6.02 3.51 17.55
N PRO A 18 -5.33 2.43 17.99
CA PRO A 18 -5.42 2.08 19.41
C PRO A 18 -4.79 3.17 20.30
N ASP A 19 -5.39 3.44 21.45
CA ASP A 19 -4.91 4.46 22.40
C ASP A 19 -3.54 4.13 22.80
N ALA A 20 -3.22 2.84 22.79
CA ALA A 20 -1.87 2.36 23.10
C ALA A 20 -0.68 3.00 22.30
N VAL A 21 -0.90 3.31 21.03
CA VAL A 21 0.13 3.91 20.19
C VAL A 21 0.62 5.25 20.81
N ALA A 22 -0.28 6.13 21.22
CA ALA A 22 0.17 7.44 21.78
C ALA A 22 0.92 7.23 23.09
N GLU A 23 0.51 6.21 23.85
CA GLU A 23 1.16 5.96 25.14
C GLU A 23 2.55 5.43 24.95
N LEU A 24 2.68 4.53 23.98
CA LEU A 24 3.97 4.08 23.55
C LEU A 24 4.86 5.21 23.05
N ARG A 25 4.32 6.03 22.16
CA ARG A 25 5.12 7.10 21.54
C ARG A 25 5.64 8.04 22.65
N THR A 26 4.79 8.33 23.61
CA THR A 26 5.20 9.28 24.69
C THR A 26 6.24 8.67 25.60
N ARG A 27 6.08 7.43 25.97
CA ARG A 27 6.91 6.78 27.02
C ARG A 27 8.08 5.98 26.51
N GLU A 28 7.92 5.32 25.36
CA GLU A 28 9.00 4.47 24.83
C GLU A 28 8.95 4.42 23.28
N PRO A 29 9.35 5.54 22.61
CA PRO A 29 9.18 5.65 21.18
C PRO A 29 10.03 4.65 20.39
N ILE A 30 11.01 4.01 21.04
CA ILE A 30 11.56 2.77 20.51
C ILE A 30 11.50 1.76 21.62
N ARG A 31 10.89 0.62 21.31
CA ARG A 31 10.82 -0.44 22.29
C ARG A 31 10.67 -1.87 21.77
N LYS A 32 11.08 -2.82 22.60
CA LYS A 32 11.17 -4.22 22.12
C LYS A 32 9.79 -4.86 22.07
N VAL A 33 9.54 -5.67 21.09
CA VAL A 33 8.26 -6.28 20.91
C VAL A 33 8.58 -7.69 20.27
N ARG A 34 7.57 -8.56 20.23
CA ARG A 34 7.69 -9.85 19.64
C ARG A 34 6.75 -9.92 18.44
N THR A 35 7.21 -10.48 17.34
CA THR A 35 6.40 -10.53 16.10
C THR A 35 5.72 -11.90 16.09
N ILE A 36 4.88 -12.10 15.10
CA ILE A 36 4.14 -13.34 15.00
C ILE A 36 5.02 -14.55 14.75
N THR A 37 6.27 -14.38 14.32
CA THR A 37 7.16 -15.52 14.16
C THR A 37 7.85 -16.01 15.47
N GLY A 38 7.68 -15.25 16.54
CA GLY A 38 8.44 -15.38 17.79
C GLY A 38 9.72 -14.56 17.91
N ALA A 39 10.13 -13.90 16.81
CA ALA A 39 11.32 -13.07 16.83
C ALA A 39 11.08 -11.78 17.61
N GLU A 40 12.16 -11.24 18.22
CA GLU A 40 12.14 -9.95 18.88
C GLU A 40 12.41 -8.85 17.84
N ALA A 41 11.86 -7.66 18.06
CA ALA A 41 12.14 -6.54 17.16
C ALA A 41 12.02 -5.22 17.95
N TRP A 42 12.60 -4.13 17.42
CA TRP A 42 12.40 -2.79 17.93
C TRP A 42 11.28 -2.07 17.20
N LEU A 43 10.25 -1.72 17.92
CA LEU A 43 9.09 -1.00 17.35
C LEU A 43 9.34 0.52 17.48
N VAL A 44 9.42 1.26 16.37
CA VAL A 44 9.72 2.72 16.41
C VAL A 44 8.45 3.48 16.09
N SER A 45 8.04 4.41 16.96
CA SER A 45 6.74 5.02 16.87
C SER A 45 6.66 6.58 16.90
N SER A 46 7.80 7.28 16.91
CA SER A 46 7.68 8.74 16.85
C SER A 46 8.10 9.17 15.45
N TYR A 47 7.62 10.35 15.05
CA TYR A 47 7.98 10.87 13.75
C TYR A 47 9.54 10.95 13.60
N ALA A 48 10.19 11.49 14.62
CA ALA A 48 11.62 11.77 14.61
C ALA A 48 12.39 10.45 14.46
N LEU A 49 12.02 9.42 15.20
CA LEU A 49 12.74 8.14 15.10
C LEU A 49 12.39 7.35 13.85
N CYS A 50 11.11 7.40 13.44
CA CYS A 50 10.75 6.77 12.22
C CYS A 50 11.51 7.33 11.02
N THR A 51 11.57 8.67 10.92
CA THR A 51 12.34 9.24 9.81
C THR A 51 13.84 8.94 9.90
N GLN A 52 14.42 8.91 11.09
CA GLN A 52 15.83 8.53 11.26
C GLN A 52 16.12 7.11 10.65
N VAL A 53 15.27 6.16 10.98
CA VAL A 53 15.47 4.80 10.49
C VAL A 53 15.34 4.72 8.98
N LEU A 54 14.30 5.34 8.47
CA LEU A 54 13.99 5.24 7.04
C LEU A 54 15.02 6.01 6.17
N GLU A 55 15.65 7.02 6.75
CA GLU A 55 16.68 7.80 6.03
C GLU A 55 18.09 7.25 6.15
N ASP A 56 18.29 6.18 6.91
CA ASP A 56 19.62 5.63 7.15
C ASP A 56 19.64 4.25 6.54
N ARG A 57 20.35 4.14 5.42
CA ARG A 57 20.32 2.88 4.66
C ARG A 57 21.04 1.73 5.41
N ARG A 58 21.78 2.06 6.44
CA ARG A 58 22.36 0.94 7.26
C ARG A 58 21.21 0.10 7.88
N PHE A 59 20.04 0.66 7.95
CA PHE A 59 18.80 -0.12 8.30
C PHE A 59 18.30 -0.60 6.98
N SER A 60 18.63 -1.84 6.64
CA SER A 60 18.49 -2.34 5.28
C SER A 60 17.22 -3.10 5.06
N MET A 61 16.55 -2.77 3.95
CA MET A 61 15.41 -3.57 3.50
C MET A 61 15.90 -4.94 2.99
N LYS A 62 16.90 -4.95 2.08
CA LYS A 62 17.38 -6.15 1.40
C LYS A 62 17.83 -7.20 2.45
N GLU A 63 18.50 -6.78 3.53
CA GLU A 63 19.08 -7.72 4.47
C GLU A 63 17.99 -8.39 5.34
N THR A 64 16.77 -7.86 5.30
CA THR A 64 15.66 -8.58 5.96
C THR A 64 15.46 -10.02 5.45
N ALA A 65 15.86 -10.28 4.21
CA ALA A 65 15.66 -11.58 3.63
C ALA A 65 16.79 -12.62 3.95
N ALA A 66 17.82 -12.21 4.68
CA ALA A 66 18.96 -13.08 5.03
C ALA A 66 18.51 -14.33 5.83
N ALA A 67 19.02 -15.51 5.44
CA ALA A 67 18.62 -16.74 6.12
C ALA A 67 19.00 -16.53 7.55
N GLY A 68 18.12 -16.91 8.47
CA GLY A 68 18.54 -16.85 9.87
C GLY A 68 18.26 -15.49 10.60
N ALA A 69 17.78 -14.48 9.86
CA ALA A 69 17.50 -13.17 10.44
C ALA A 69 16.21 -13.27 11.29
N PRO A 70 16.03 -12.40 12.29
CA PRO A 70 14.74 -12.31 12.96
C PRO A 70 13.75 -11.76 11.95
N ARG A 71 12.57 -12.36 11.86
CA ARG A 71 11.58 -12.02 10.82
C ARG A 71 10.29 -11.42 11.45
N LEU A 72 9.73 -10.41 10.79
CA LEU A 72 8.37 -9.98 11.01
C LEU A 72 7.36 -11.06 10.61
N ASN A 73 7.58 -11.65 9.45
CA ASN A 73 6.63 -12.63 8.85
C ASN A 73 7.40 -13.51 7.85
N ALA A 74 6.76 -14.57 7.36
CA ALA A 74 7.40 -15.40 6.34
C ALA A 74 7.42 -14.74 4.91
N LEU A 75 8.48 -14.95 4.14
CA LEU A 75 8.47 -14.47 2.75
C LEU A 75 7.36 -15.16 1.96
N THR A 76 6.67 -14.37 1.18
CA THR A 76 5.76 -14.87 0.18
C THR A 76 6.29 -14.66 -1.27
N VAL A 77 7.51 -14.14 -1.37
CA VAL A 77 8.27 -13.93 -2.65
C VAL A 77 9.64 -14.60 -2.56
N PRO A 78 10.31 -14.86 -3.67
CA PRO A 78 11.72 -15.35 -3.62
C PRO A 78 12.55 -14.30 -2.91
N PRO A 79 13.58 -14.70 -2.11
CA PRO A 79 14.39 -13.76 -1.38
C PRO A 79 15.03 -12.67 -2.20
N GLU A 80 15.35 -12.93 -3.47
CA GLU A 80 15.92 -11.86 -4.31
C GLU A 80 14.96 -10.74 -4.57
N VAL A 81 13.65 -11.03 -4.55
CA VAL A 81 12.65 -10.03 -4.83
C VAL A 81 12.53 -9.03 -3.66
N VAL A 82 13.05 -9.37 -2.50
CA VAL A 82 13.11 -8.36 -1.41
C VAL A 82 13.98 -7.14 -1.85
N ASN A 83 14.93 -7.36 -2.74
CA ASN A 83 15.71 -6.28 -3.33
C ASN A 83 15.17 -5.83 -4.76
N ASN A 84 13.86 -5.91 -4.97
CA ASN A 84 13.25 -5.68 -6.31
C ASN A 84 13.66 -4.31 -6.89
N MET A 85 13.60 -3.24 -6.09
CA MET A 85 13.97 -1.92 -6.65
C MET A 85 15.45 -1.80 -6.97
N GLY A 86 16.28 -2.39 -6.13
CA GLY A 86 17.71 -2.44 -6.37
C GLY A 86 18.00 -3.22 -7.65
N ASN A 87 17.26 -4.32 -7.89
CA ASN A 87 17.43 -5.13 -9.07
C ASN A 87 17.00 -4.37 -10.33
N ILE A 88 15.88 -3.68 -10.23
CA ILE A 88 15.39 -2.77 -11.32
C ILE A 88 16.45 -1.71 -11.62
N ALA A 89 16.93 -1.03 -10.57
CA ALA A 89 17.97 0.00 -10.72
C ALA A 89 19.23 -0.55 -11.35
N ASP A 90 19.71 -1.71 -10.90
CA ASP A 90 20.94 -2.31 -11.45
C ASP A 90 20.77 -2.75 -12.91
N ALA A 91 19.54 -3.05 -13.35
CA ALA A 91 19.33 -3.46 -14.70
C ALA A 91 19.17 -2.24 -15.64
N GLY A 92 19.21 -1.04 -15.09
CA GLY A 92 19.07 0.21 -15.87
C GLY A 92 17.63 0.53 -16.27
N LEU A 93 16.66 -0.07 -15.54
CA LEU A 93 15.25 0.03 -15.85
C LEU A 93 14.42 1.01 -14.97
N ARG A 94 15.05 1.61 -13.99
CA ARG A 94 14.34 2.50 -13.04
C ARG A 94 13.57 3.63 -13.75
N LYS A 95 14.26 4.35 -14.62
CA LYS A 95 13.58 5.52 -15.30
C LYS A 95 12.43 5.07 -16.16
N ALA A 96 12.57 3.92 -16.80
CA ALA A 96 11.48 3.46 -17.62
C ALA A 96 10.25 2.98 -16.85
N VAL A 97 10.50 2.24 -15.79
CA VAL A 97 9.40 1.79 -14.90
C VAL A 97 8.64 3.01 -14.39
N MET A 98 9.38 3.97 -13.88
CA MET A 98 8.82 5.18 -13.26
C MET A 98 8.02 5.97 -14.24
N LYS A 99 8.49 6.11 -15.48
CA LYS A 99 7.70 6.79 -16.50
C LYS A 99 6.40 6.06 -16.86
N ALA A 100 6.45 4.74 -16.89
CA ALA A 100 5.27 4.02 -17.27
C ALA A 100 4.21 4.05 -16.18
N ILE A 101 4.56 4.32 -14.93
CA ILE A 101 3.55 4.24 -13.88
C ILE A 101 3.10 5.62 -13.38
N THR A 102 3.41 6.71 -14.12
CA THR A 102 2.83 8.02 -13.77
C THR A 102 1.39 8.13 -14.17
N PRO A 103 0.58 8.92 -13.42
CA PRO A 103 -0.85 9.02 -13.80
C PRO A 103 -1.05 9.98 -14.99
N LYS A 104 0.04 10.61 -15.41
CA LYS A 104 0.02 11.57 -16.51
C LYS A 104 0.02 10.98 -17.96
N ALA A 105 0.13 9.67 -18.16
CA ALA A 105 0.00 9.09 -19.52
C ALA A 105 -1.30 9.54 -20.23
N PRO A 106 -1.25 9.82 -21.57
CA PRO A 106 -2.46 10.22 -22.32
C PRO A 106 -3.62 9.27 -22.11
N GLY A 107 -4.76 9.87 -21.79
CA GLY A 107 -6.00 9.17 -21.59
C GLY A 107 -6.17 8.40 -20.28
N LEU A 108 -5.11 8.27 -19.48
CA LEU A 108 -5.19 7.41 -18.30
C LEU A 108 -6.18 7.92 -17.25
N GLU A 109 -6.08 9.20 -16.93
CA GLU A 109 -7.03 9.79 -16.04
C GLU A 109 -8.46 9.69 -16.52
N GLN A 110 -8.68 9.84 -17.82
CA GLN A 110 -10.08 9.78 -18.29
C GLN A 110 -10.54 8.33 -18.17
N PHE A 111 -9.60 7.41 -18.35
CA PHE A 111 -9.96 5.99 -18.19
C PHE A 111 -10.41 5.74 -16.76
N LEU A 112 -9.68 6.32 -15.81
CA LEU A 112 -9.97 6.11 -14.40
C LEU A 112 -11.34 6.70 -14.09
N ARG A 113 -11.62 7.91 -14.58
CA ARG A 113 -12.91 8.53 -14.34
C ARG A 113 -14.06 7.73 -14.94
N ASP A 114 -13.90 7.31 -16.20
CA ASP A 114 -14.88 6.52 -16.88
C ASP A 114 -15.12 5.19 -16.14
N THR A 115 -14.04 4.58 -15.67
CA THR A 115 -14.17 3.30 -14.99
C THR A 115 -14.93 3.44 -13.65
N ALA A 116 -14.55 4.46 -12.89
CA ALA A 116 -15.18 4.76 -11.61
C ALA A 116 -16.65 5.08 -11.84
N ASN A 117 -16.94 5.89 -12.86
CA ASN A 117 -18.34 6.23 -13.16
C ASN A 117 -19.20 5.05 -13.54
N SER A 118 -18.65 4.16 -14.36
CA SER A 118 -19.35 2.95 -14.76
C SER A 118 -19.64 1.94 -13.57
N LEU A 119 -18.61 1.70 -12.74
CA LEU A 119 -18.74 0.91 -11.48
C LEU A 119 -19.88 1.49 -10.60
N LEU A 120 -19.87 2.79 -10.37
CA LEU A 120 -20.91 3.43 -9.57
C LEU A 120 -22.32 3.36 -10.24
N ASP A 121 -22.41 3.61 -11.56
CA ASP A 121 -23.69 3.44 -12.22
C ASP A 121 -24.20 2.04 -12.02
N ASN A 122 -23.35 1.03 -12.19
CA ASN A 122 -23.78 -0.34 -11.94
C ASN A 122 -24.32 -0.59 -10.52
N LEU A 123 -23.66 -0.06 -9.50
CA LEU A 123 -24.18 -0.17 -8.11
C LEU A 123 -25.53 0.52 -7.98
N ILE A 124 -25.63 1.72 -8.53
CA ILE A 124 -26.88 2.47 -8.44
C ILE A 124 -28.02 1.71 -9.11
N THR A 125 -27.79 1.15 -10.28
CA THR A 125 -28.79 0.30 -10.93
C THR A 125 -29.18 -0.93 -10.15
N GLU A 126 -28.23 -1.57 -9.52
CA GLU A 126 -28.55 -2.75 -8.78
C GLU A 126 -29.31 -2.42 -7.45
N GLY A 127 -29.12 -1.22 -6.91
CA GLY A 127 -29.78 -0.78 -5.70
C GLY A 127 -29.03 -1.07 -4.41
N ALA A 128 -29.20 -0.20 -3.41
CA ALA A 128 -28.63 -0.45 -2.04
C ALA A 128 -29.07 -1.73 -1.38
N PRO A 129 -28.20 -2.34 -0.58
CA PRO A 129 -26.86 -1.93 -0.22
C PRO A 129 -25.81 -2.36 -1.29
N ALA A 130 -24.70 -1.65 -1.36
CA ALA A 130 -23.60 -1.96 -2.25
C ALA A 130 -22.37 -2.18 -1.41
N ASP A 131 -21.41 -2.90 -1.94
CA ASP A 131 -20.17 -3.18 -1.23
C ASP A 131 -19.06 -2.34 -1.92
N LEU A 132 -18.66 -1.25 -1.33
CA LEU A 132 -17.64 -0.38 -1.91
C LEU A 132 -16.22 -0.98 -1.99
N ARG A 133 -15.92 -2.07 -1.29
CA ARG A 133 -14.63 -2.63 -1.52
C ARG A 133 -14.69 -3.55 -2.74
N ASN A 134 -15.50 -4.58 -2.66
CA ASN A 134 -15.48 -5.58 -3.71
C ASN A 134 -16.04 -5.11 -5.05
N ASP A 135 -16.93 -4.14 -5.05
CA ASP A 135 -17.64 -3.73 -6.25
C ASP A 135 -17.30 -2.30 -6.61
N PHE A 136 -16.31 -1.73 -5.97
CA PHE A 136 -15.85 -0.37 -6.37
C PHE A 136 -14.36 -0.20 -6.25
N ALA A 137 -13.85 -0.09 -5.03
CA ALA A 137 -12.43 0.22 -4.84
C ALA A 137 -11.51 -0.80 -5.50
N ASP A 138 -11.73 -2.08 -5.26
CA ASP A 138 -10.83 -3.10 -5.79
C ASP A 138 -10.87 -3.26 -7.32
N PRO A 139 -12.09 -3.27 -7.92
CA PRO A 139 -12.17 -3.29 -9.34
C PRO A 139 -11.63 -2.06 -9.99
N LEU A 140 -11.76 -0.91 -9.34
CA LEU A 140 -11.13 0.32 -9.86
C LEU A 140 -9.60 0.21 -9.86
N ALA A 141 -9.01 -0.26 -8.72
CA ALA A 141 -7.63 -0.55 -8.63
C ALA A 141 -7.17 -1.57 -9.71
N THR A 142 -7.91 -2.65 -9.90
CA THR A 142 -7.53 -3.74 -10.78
C THR A 142 -7.58 -3.23 -12.27
N ALA A 143 -8.65 -2.54 -12.64
CA ALA A 143 -8.76 -1.98 -13.96
C ALA A 143 -7.64 -0.96 -14.22
N LEU A 144 -7.30 -0.10 -13.28
CA LEU A 144 -6.19 0.87 -13.43
C LEU A 144 -4.86 0.19 -13.72
N HIS A 145 -4.57 -0.86 -12.93
CA HIS A 145 -3.32 -1.53 -13.08
C HIS A 145 -3.21 -2.36 -14.40
N CYS A 146 -4.31 -2.94 -14.86
CA CYS A 146 -4.31 -3.60 -16.16
C CYS A 146 -3.92 -2.56 -17.27
N LYS A 147 -4.53 -1.41 -17.19
CA LYS A 147 -4.29 -0.32 -18.13
C LYS A 147 -2.89 0.23 -18.04
N VAL A 148 -2.39 0.43 -16.81
CA VAL A 148 -1.00 0.82 -16.62
C VAL A 148 -0.01 -0.19 -17.21
N LEU A 149 -0.30 -1.44 -17.02
CA LEU A 149 0.62 -2.47 -17.39
C LEU A 149 0.53 -2.72 -18.93
N GLY A 150 -0.61 -2.33 -19.50
CA GLY A 150 -0.97 -2.63 -20.93
C GLY A 150 -1.46 -4.05 -21.18
N ILE A 151 -2.04 -4.71 -20.19
CA ILE A 151 -2.57 -6.02 -20.32
C ILE A 151 -4.05 -6.04 -20.43
N PRO A 152 -4.63 -7.10 -20.97
CA PRO A 152 -6.08 -7.04 -21.12
C PRO A 152 -6.88 -6.87 -19.79
N GLN A 153 -7.95 -6.07 -19.83
CA GLN A 153 -8.79 -5.81 -18.73
C GLN A 153 -9.35 -7.11 -18.18
N GLU A 154 -9.67 -8.05 -19.09
CA GLU A 154 -10.26 -9.28 -18.71
C GLU A 154 -9.37 -10.26 -17.93
N ASP A 155 -8.06 -10.04 -17.92
CA ASP A 155 -7.11 -10.78 -17.15
C ASP A 155 -6.97 -10.25 -15.71
N GLY A 156 -7.50 -9.07 -15.42
CA GLY A 156 -7.45 -8.41 -14.07
C GLY A 156 -7.96 -9.34 -12.97
N PRO A 157 -9.18 -9.84 -13.11
CA PRO A 157 -9.74 -10.65 -12.03
C PRO A 157 -8.96 -11.88 -11.58
N LYS A 158 -8.41 -12.59 -12.53
CA LYS A 158 -7.64 -13.79 -12.17
C LYS A 158 -6.28 -13.42 -11.48
N LEU A 159 -5.62 -12.37 -11.98
CA LEU A 159 -4.46 -11.84 -11.26
C LEU A 159 -4.75 -11.33 -9.84
N PHE A 160 -5.85 -10.62 -9.72
CA PHE A 160 -6.28 -10.06 -8.47
C PHE A 160 -6.52 -11.14 -7.39
N ARG A 161 -7.02 -12.27 -7.80
CA ARG A 161 -7.39 -13.35 -6.85
C ARG A 161 -6.16 -14.06 -6.23
N SER A 162 -4.97 -13.80 -6.73
CA SER A 162 -3.78 -14.20 -6.00
C SER A 162 -3.53 -13.37 -4.72
N LEU A 163 -4.07 -12.14 -4.65
CA LEU A 163 -3.57 -11.18 -3.72
C LEU A 163 -4.03 -11.37 -2.24
N SER A 164 -5.15 -12.05 -2.03
CA SER A 164 -5.58 -12.38 -0.65
C SER A 164 -4.63 -13.35 0.04
N ILE A 165 -3.76 -14.00 -0.74
CA ILE A 165 -2.77 -14.88 -0.24
C ILE A 165 -1.38 -14.21 -0.36
N ALA A 166 -1.12 -13.56 -1.49
CA ALA A 166 0.19 -12.99 -1.75
C ALA A 166 0.62 -11.97 -0.76
N PHE A 167 -0.37 -11.20 -0.22
CA PHE A 167 -0.16 -10.20 0.80
C PHE A 167 -0.44 -10.57 2.24
N MET A 168 -0.51 -11.90 2.51
CA MET A 168 -0.60 -12.35 3.83
C MET A 168 0.64 -11.97 4.64
N SER A 169 0.42 -11.81 5.93
CA SER A 169 1.45 -11.55 6.93
C SER A 169 1.40 -12.76 7.93
N SER A 170 2.15 -13.80 7.55
CA SER A 170 2.08 -15.16 8.09
C SER A 170 3.33 -15.50 8.87
N ALA A 171 3.13 -16.24 9.97
CA ALA A 171 4.29 -16.78 10.66
C ALA A 171 5.07 -17.80 9.91
N ASP A 172 4.41 -18.56 9.02
CA ASP A 172 5.06 -19.61 8.30
C ASP A 172 4.90 -19.49 6.78
N PRO A 173 5.77 -20.17 6.02
CA PRO A 173 5.67 -20.12 4.55
C PRO A 173 4.26 -20.60 4.11
N ILE A 174 3.81 -20.18 2.96
CA ILE A 174 2.44 -20.41 2.51
C ILE A 174 2.48 -21.16 1.15
N PRO A 175 2.11 -22.45 1.15
CA PRO A 175 2.17 -23.20 -0.09
C PRO A 175 1.44 -22.53 -1.29
N ALA A 176 0.30 -21.96 -1.03
CA ALA A 176 -0.45 -21.35 -2.11
C ALA A 176 0.28 -20.13 -2.69
N ALA A 177 1.04 -19.40 -1.89
CA ALA A 177 1.78 -18.22 -2.42
C ALA A 177 2.75 -18.65 -3.52
N LYS A 178 3.46 -19.75 -3.34
CA LYS A 178 4.33 -20.29 -4.38
C LYS A 178 3.53 -20.72 -5.66
N ILE A 179 2.44 -21.45 -5.49
CA ILE A 179 1.66 -21.89 -6.61
C ILE A 179 1.22 -20.66 -7.45
N ASN A 180 0.65 -19.65 -6.78
CA ASN A 180 0.18 -18.45 -7.44
C ASN A 180 1.32 -17.65 -8.10
N TRP A 181 2.43 -17.53 -7.39
CA TRP A 181 3.58 -16.79 -7.84
C TRP A 181 4.10 -17.37 -9.18
N ASP A 182 4.31 -18.68 -9.16
CA ASP A 182 4.86 -19.35 -10.33
C ASP A 182 3.89 -19.20 -11.53
N ARG A 183 2.58 -19.28 -11.28
CA ARG A 183 1.57 -19.15 -12.36
C ARG A 183 1.54 -17.71 -12.91
N ASP A 184 1.59 -16.75 -12.02
CA ASP A 184 1.48 -15.35 -12.42
C ASP A 184 2.77 -14.92 -13.19
N ILE A 185 3.92 -15.41 -12.74
CA ILE A 185 5.18 -15.23 -13.46
C ILE A 185 5.09 -15.81 -14.90
N GLU A 186 4.56 -17.00 -15.03
CA GLU A 186 4.40 -17.58 -16.39
C GLU A 186 3.47 -16.75 -17.21
N TYR A 187 2.39 -16.24 -16.61
CA TYR A 187 1.49 -15.32 -17.31
C TYR A 187 2.29 -14.11 -17.86
N MET A 188 3.06 -13.44 -17.00
CA MET A 188 3.78 -12.21 -17.41
C MET A 188 4.92 -12.52 -18.40
N ALA A 189 5.49 -13.73 -18.32
CA ALA A 189 6.45 -14.17 -19.33
C ALA A 189 5.76 -14.31 -20.69
N GLY A 190 4.56 -14.88 -20.71
CA GLY A 190 3.73 -14.90 -21.91
C GLY A 190 3.41 -13.52 -22.48
N ILE A 191 3.11 -12.57 -21.59
CA ILE A 191 2.83 -11.25 -22.00
C ILE A 191 4.05 -10.61 -22.74
N LEU A 192 5.30 -10.85 -22.27
CA LEU A 192 6.49 -10.32 -22.88
C LEU A 192 6.70 -10.90 -24.30
N GLU A 193 6.16 -12.09 -24.54
CA GLU A 193 6.27 -12.77 -25.85
C GLU A 193 5.05 -12.50 -26.75
N ASN A 194 4.05 -11.76 -26.27
CA ASN A 194 2.82 -11.53 -26.97
C ASN A 194 2.90 -10.25 -27.79
N PRO A 195 2.80 -10.39 -29.15
CA PRO A 195 2.97 -9.21 -30.03
C PRO A 195 1.86 -8.18 -29.89
N ASN A 196 0.67 -8.52 -29.38
CA ASN A 196 -0.33 -7.52 -29.17
C ASN A 196 -0.07 -6.60 -28.01
N ILE A 197 0.96 -6.83 -27.23
CA ILE A 197 1.09 -6.05 -26.05
C ILE A 197 2.16 -5.01 -26.32
N THR A 198 1.73 -3.79 -26.65
CA THR A 198 2.61 -2.75 -27.07
C THR A 198 2.47 -1.50 -26.28
N THR A 199 1.57 -1.48 -25.28
CA THR A 199 1.39 -0.25 -24.47
C THR A 199 1.72 -0.50 -23.03
N GLY A 200 1.80 0.60 -22.26
CA GLY A 200 1.97 0.49 -20.80
C GLY A 200 3.31 -0.07 -20.40
N LEU A 201 3.41 -0.43 -19.12
CA LEU A 201 4.65 -0.92 -18.61
C LEU A 201 5.10 -2.21 -19.33
N MET A 202 4.23 -3.18 -19.56
CA MET A 202 4.66 -4.42 -20.17
C MET A 202 5.04 -4.22 -21.66
N GLY A 203 4.36 -3.33 -22.36
CA GLY A 203 4.74 -2.96 -23.73
C GLY A 203 6.14 -2.38 -23.73
N GLU A 204 6.49 -1.50 -22.78
CA GLU A 204 7.79 -0.91 -22.75
C GLU A 204 8.87 -1.93 -22.37
N LEU A 205 8.63 -2.73 -21.33
CA LEU A 205 9.54 -3.83 -20.96
C LEU A 205 9.76 -4.77 -22.12
N SER A 206 8.74 -5.01 -22.91
CA SER A 206 8.84 -5.96 -23.94
C SER A 206 9.77 -5.45 -25.06
N ARG A 207 9.74 -4.13 -25.32
CA ARG A 207 10.63 -3.47 -26.26
C ARG A 207 12.03 -3.44 -25.71
N LEU A 208 12.14 -3.02 -24.46
CA LEU A 208 13.51 -2.98 -23.84
C LEU A 208 14.19 -4.33 -23.82
N ARG A 209 13.41 -5.40 -23.64
CA ARG A 209 13.94 -6.74 -23.67
C ARG A 209 14.59 -7.13 -25.01
N LYS A 210 14.17 -6.49 -26.11
CA LYS A 210 14.76 -6.78 -27.41
C LYS A 210 15.80 -5.80 -27.84
N ASP A 211 16.09 -4.81 -26.99
CA ASP A 211 17.05 -3.80 -27.26
C ASP A 211 18.41 -4.28 -26.81
N PRO A 212 19.42 -4.14 -27.68
CA PRO A 212 20.77 -4.62 -27.24
C PRO A 212 21.33 -3.97 -25.98
N ALA A 213 20.91 -2.78 -25.58
CA ALA A 213 21.39 -2.24 -24.29
C ALA A 213 20.89 -3.05 -23.07
N TYR A 214 19.93 -3.96 -23.25
CA TYR A 214 19.30 -4.70 -22.14
C TYR A 214 19.41 -6.16 -22.38
N SER A 215 20.28 -6.61 -23.30
CA SER A 215 20.30 -8.02 -23.68
C SER A 215 20.69 -8.99 -22.53
N HIS A 216 21.39 -8.49 -21.51
CA HIS A 216 21.81 -9.35 -20.36
C HIS A 216 20.91 -9.25 -19.12
N VAL A 217 19.82 -8.50 -19.21
CA VAL A 217 18.77 -8.47 -18.18
C VAL A 217 17.97 -9.74 -18.27
N SER A 218 17.75 -10.40 -17.15
CA SER A 218 17.09 -11.69 -17.24
C SER A 218 15.59 -11.58 -17.53
N ASP A 219 15.08 -12.55 -18.27
CA ASP A 219 13.63 -12.72 -18.46
C ASP A 219 12.85 -12.82 -17.14
N GLU A 220 13.50 -13.44 -16.16
CA GLU A 220 12.94 -13.51 -14.82
C GLU A 220 12.69 -12.12 -14.28
N LEU A 221 13.67 -11.22 -14.31
CA LEU A 221 13.43 -9.89 -13.85
C LEU A 221 12.30 -9.15 -14.54
N PHE A 222 12.23 -9.24 -15.84
CA PHE A 222 11.16 -8.53 -16.56
C PHE A 222 9.74 -9.03 -16.14
N ALA A 223 9.58 -10.33 -15.98
CA ALA A 223 8.33 -10.89 -15.57
C ALA A 223 7.97 -10.52 -14.12
N THR A 224 9.00 -10.51 -13.28
CA THR A 224 8.89 -10.13 -11.87
C THR A 224 8.38 -8.72 -11.72
N ILE A 225 8.91 -7.81 -12.54
CA ILE A 225 8.48 -6.43 -12.48
C ILE A 225 6.97 -6.33 -12.70
N GLY A 226 6.47 -7.04 -13.69
CA GLY A 226 5.06 -7.05 -13.98
C GLY A 226 4.17 -7.62 -12.85
N VAL A 227 4.60 -8.75 -12.31
CA VAL A 227 3.86 -9.41 -11.19
C VAL A 227 3.86 -8.49 -9.99
N THR A 228 5.04 -7.99 -9.58
CA THR A 228 5.17 -7.21 -8.37
C THR A 228 4.50 -5.85 -8.46
N PHE A 229 4.66 -5.15 -9.58
CA PHE A 229 4.03 -3.84 -9.68
C PHE A 229 2.51 -3.97 -9.74
N PHE A 230 2.04 -4.96 -10.42
CA PHE A 230 0.57 -5.23 -10.37
C PHE A 230 0.10 -5.52 -8.97
N GLY A 231 0.77 -6.43 -8.29
CA GLY A 231 0.34 -6.82 -6.95
C GLY A 231 0.40 -5.71 -5.93
N ALA A 232 1.58 -5.08 -5.77
CA ALA A 232 1.78 -3.98 -4.82
C ALA A 232 0.84 -2.80 -5.12
N GLY A 233 0.68 -2.48 -6.39
CA GLY A 233 -0.16 -1.35 -6.77
C GLY A 233 -1.61 -1.59 -6.48
N VAL A 234 -2.09 -2.73 -6.91
CA VAL A 234 -3.52 -3.04 -6.70
C VAL A 234 -3.85 -3.20 -5.21
N ILE A 235 -3.04 -3.98 -4.47
CA ILE A 235 -3.30 -4.12 -3.02
C ILE A 235 -3.20 -2.77 -2.32
N SER A 236 -2.27 -1.91 -2.70
CA SER A 236 -2.05 -0.72 -1.93
C SER A 236 -3.16 0.36 -2.21
N THR A 237 -3.52 0.53 -3.48
CA THR A 237 -4.51 1.54 -3.89
C THR A 237 -5.89 1.01 -3.49
N GLY A 238 -6.19 -0.25 -3.66
CA GLY A 238 -7.49 -0.78 -3.31
C GLY A 238 -7.75 -0.63 -1.80
N SER A 239 -6.75 -1.03 -1.02
CA SER A 239 -6.77 -0.94 0.47
C SER A 239 -6.87 0.48 0.93
N PHE A 240 -5.99 1.34 0.38
CA PHE A 240 -6.08 2.73 0.76
C PHE A 240 -7.43 3.34 0.47
N LEU A 241 -7.92 3.24 -0.76
CA LEU A 241 -9.15 3.86 -1.12
C LEU A 241 -10.33 3.35 -0.23
N THR A 242 -10.37 2.04 0.03
CA THR A 242 -11.42 1.46 0.85
C THR A 242 -11.41 2.10 2.23
N THR A 243 -10.27 2.18 2.89
CA THR A 243 -10.28 2.69 4.24
C THR A 243 -10.37 4.21 4.24
N ALA A 244 -9.98 4.87 3.17
CA ALA A 244 -10.22 6.31 3.03
C ALA A 244 -11.76 6.64 2.91
N LEU A 245 -12.50 5.83 2.13
CA LEU A 245 -13.91 5.95 2.00
C LEU A 245 -14.64 5.80 3.40
N ILE A 246 -14.17 4.86 4.24
CA ILE A 246 -14.71 4.77 5.63
C ILE A 246 -14.48 6.10 6.39
N SER A 247 -13.26 6.63 6.30
CA SER A 247 -12.88 7.88 7.01
C SER A 247 -13.76 9.06 6.55
N LEU A 248 -14.04 9.09 5.28
CA LEU A 248 -14.87 10.11 4.69
C LEU A 248 -16.34 9.93 5.05
N ILE A 249 -16.83 8.69 4.94
CA ILE A 249 -18.23 8.41 5.33
C ILE A 249 -18.50 8.80 6.77
N GLN A 250 -17.59 8.50 7.71
CA GLN A 250 -17.68 8.85 9.11
C GLN A 250 -17.52 10.41 9.38
N ARG A 251 -17.36 11.22 8.36
CA ARG A 251 -17.15 12.71 8.52
C ARG A 251 -18.04 13.39 7.50
N PRO A 252 -19.36 13.45 7.77
CA PRO A 252 -20.29 14.03 6.84
C PRO A 252 -20.04 15.50 6.52
N GLN A 253 -19.52 16.25 7.46
CA GLN A 253 -19.20 17.72 7.26
C GLN A 253 -18.02 17.83 6.25
N LEU A 254 -17.02 16.96 6.39
CA LEU A 254 -15.97 16.84 5.33
C LEU A 254 -16.48 16.38 4.01
N ARG A 255 -17.25 15.29 4.01
CA ARG A 255 -17.85 14.72 2.80
CA ARG A 255 -17.78 14.77 2.77
C ARG A 255 -18.56 15.87 2.10
N ASN A 256 -19.30 16.68 2.88
CA ASN A 256 -20.07 17.76 2.24
C ASN A 256 -19.23 18.88 1.68
N LEU A 257 -18.22 19.33 2.43
CA LEU A 257 -17.25 20.34 1.93
C LEU A 257 -16.57 19.91 0.63
N LEU A 258 -16.09 18.65 0.56
CA LEU A 258 -15.50 18.13 -0.72
C LEU A 258 -16.50 17.98 -1.87
N HIS A 259 -17.72 17.55 -1.55
CA HIS A 259 -18.80 17.50 -2.56
C HIS A 259 -19.02 18.93 -3.13
N GLU A 260 -19.11 19.90 -2.24
CA GLU A 260 -19.39 21.28 -2.62
C GLU A 260 -18.18 21.95 -3.31
N LYS A 261 -16.96 21.63 -2.86
CA LYS A 261 -15.77 22.26 -3.40
C LYS A 261 -14.71 21.21 -3.79
N PRO A 262 -14.93 20.54 -4.91
CA PRO A 262 -14.11 19.41 -5.22
C PRO A 262 -12.66 19.79 -5.49
N GLU A 263 -12.37 21.08 -5.62
CA GLU A 263 -11.01 21.52 -5.77
C GLU A 263 -10.17 21.24 -4.50
N LEU A 264 -10.84 21.05 -3.38
CA LEU A 264 -10.19 20.64 -2.17
C LEU A 264 -9.97 19.12 -2.07
N ILE A 265 -10.35 18.33 -3.06
CA ILE A 265 -10.16 16.87 -2.95
C ILE A 265 -8.69 16.46 -2.80
N PRO A 266 -7.79 17.07 -3.59
CA PRO A 266 -6.39 16.68 -3.37
C PRO A 266 -5.91 16.96 -1.97
N ALA A 267 -6.25 18.10 -1.37
CA ALA A 267 -5.87 18.31 0.02
C ALA A 267 -6.55 17.29 0.98
N GLY A 268 -7.82 16.98 0.70
CA GLY A 268 -8.51 15.96 1.48
C GLY A 268 -7.80 14.62 1.39
N VAL A 269 -7.40 14.20 0.18
CA VAL A 269 -6.71 12.92 -0.02
C VAL A 269 -5.38 12.91 0.70
N GLU A 270 -4.64 14.06 0.76
CA GLU A 270 -3.36 14.11 1.44
C GLU A 270 -3.60 13.87 2.95
N GLU A 271 -4.65 14.44 3.52
CA GLU A 271 -4.95 14.16 4.89
C GLU A 271 -5.46 12.71 5.10
N LEU A 272 -6.25 12.18 4.17
CA LEU A 272 -6.72 10.75 4.25
C LEU A 272 -5.52 9.81 4.25
N LEU A 273 -4.49 10.17 3.45
CA LEU A 273 -3.23 9.48 3.42
C LEU A 273 -2.51 9.54 4.75
N ARG A 274 -2.47 10.75 5.34
CA ARG A 274 -1.78 10.89 6.60
C ARG A 274 -2.38 10.07 7.71
N ILE A 275 -3.70 10.05 7.79
CA ILE A 275 -4.34 9.31 8.83
C ILE A 275 -4.60 7.83 8.52
N ASN A 276 -4.14 7.34 7.38
CA ASN A 276 -4.52 5.99 6.89
C ASN A 276 -3.82 4.90 7.75
N LEU A 277 -4.60 3.86 8.09
CA LEU A 277 -4.09 2.73 8.86
C LEU A 277 -4.02 1.49 7.98
N SER A 278 -3.83 1.71 6.69
CA SER A 278 -3.78 0.60 5.73
C SER A 278 -2.64 -0.39 5.95
N PHE A 279 -1.45 0.07 6.34
CA PHE A 279 -0.32 -0.85 6.61
C PHE A 279 -0.52 -1.52 7.96
N ALA A 280 -0.65 -2.84 7.92
CA ALA A 280 -0.96 -3.65 9.13
C ALA A 280 0.22 -3.80 10.06
N ASP A 281 1.41 -3.72 9.55
CA ASP A 281 2.66 -3.93 10.33
C ASP A 281 3.58 -2.71 10.11
N GLY A 282 4.50 -2.47 11.03
CA GLY A 282 5.60 -1.58 10.78
C GLY A 282 6.37 -1.99 9.55
N LEU A 283 7.02 -1.03 8.89
CA LEU A 283 7.99 -1.35 7.82
C LEU A 283 9.23 -2.03 8.38
N PRO A 284 9.59 -3.24 7.89
CA PRO A 284 10.73 -3.96 8.41
C PRO A 284 12.09 -3.50 7.82
N ARG A 285 13.10 -3.37 8.66
CA ARG A 285 14.48 -3.19 8.24
C ARG A 285 15.39 -3.98 9.16
N LEU A 286 16.56 -4.40 8.67
CA LEU A 286 17.56 -5.11 9.50
C LEU A 286 18.80 -4.23 9.64
N ALA A 287 19.20 -3.98 10.87
CA ALA A 287 20.40 -3.17 11.15
C ALA A 287 21.64 -3.86 10.63
N THR A 288 22.47 -3.13 9.91
CA THR A 288 23.69 -3.69 9.43
C THR A 288 24.91 -3.17 10.21
N ALA A 289 24.68 -2.40 11.26
CA ALA A 289 25.68 -1.82 12.15
C ALA A 289 25.03 -1.58 13.49
N ASP A 290 25.81 -1.24 14.52
CA ASP A 290 25.24 -0.91 15.80
C ASP A 290 24.91 0.59 15.65
N ILE A 291 23.67 1.01 15.93
CA ILE A 291 23.18 2.37 15.63
C ILE A 291 22.32 2.82 16.77
N GLN A 292 22.66 3.97 17.36
CA GLN A 292 21.84 4.59 18.35
C GLN A 292 20.56 5.25 17.80
N VAL A 293 19.42 4.83 18.34
CA VAL A 293 18.11 5.28 17.97
C VAL A 293 17.41 5.66 19.24
N GLY A 294 17.24 6.95 19.45
CA GLY A 294 16.71 7.42 20.71
C GLY A 294 17.53 6.86 21.88
N ASP A 295 16.89 6.31 22.88
CA ASP A 295 17.59 5.72 24.03
C ASP A 295 18.12 4.30 23.85
N VAL A 296 18.04 3.73 22.65
CA VAL A 296 18.41 2.33 22.46
C VAL A 296 19.55 2.24 21.47
N LEU A 297 20.53 1.39 21.79
CA LEU A 297 21.57 1.11 20.86
C LEU A 297 21.12 -0.12 20.13
N VAL A 298 20.69 0.03 18.89
CA VAL A 298 20.28 -1.11 18.06
C VAL A 298 21.51 -1.83 17.57
N ARG A 299 21.51 -3.15 17.75
CA ARG A 299 22.65 -3.94 17.35
C ARG A 299 22.57 -4.50 15.99
N LYS A 300 23.73 -4.65 15.37
CA LYS A 300 23.80 -5.29 14.13
C LYS A 300 23.03 -6.61 14.11
N GLY A 301 22.31 -6.84 13.01
CA GLY A 301 21.51 -8.07 12.82
C GLY A 301 20.08 -8.05 13.49
N GLU A 302 19.74 -6.99 14.22
CA GLU A 302 18.42 -6.82 14.81
C GLU A 302 17.37 -6.23 13.87
N LEU A 303 16.12 -6.64 14.10
CA LEU A 303 14.99 -6.24 13.26
C LEU A 303 14.40 -4.97 13.87
N VAL A 304 14.09 -3.97 13.02
CA VAL A 304 13.41 -2.76 13.42
C VAL A 304 12.13 -2.58 12.59
N LEU A 305 11.03 -2.19 13.21
CA LEU A 305 9.79 -1.99 12.63
C LEU A 305 9.39 -0.52 12.74
N VAL A 306 9.13 0.09 11.61
CA VAL A 306 8.86 1.57 11.54
C VAL A 306 7.35 1.73 11.46
N LEU A 307 6.70 2.17 12.52
CA LEU A 307 5.27 2.20 12.60
C LEU A 307 4.77 3.46 11.91
N LEU A 308 4.18 3.30 10.75
CA LEU A 308 3.81 4.51 10.03
C LEU A 308 2.80 5.40 10.76
N GLU A 309 1.80 4.82 11.37
CA GLU A 309 0.84 5.60 12.12
C GLU A 309 1.42 6.20 13.39
N GLY A 310 2.51 5.65 13.88
CA GLY A 310 3.22 6.29 14.97
C GLY A 310 3.72 7.64 14.54
N ALA A 311 4.39 7.68 13.39
CA ALA A 311 4.86 8.96 12.83
C ALA A 311 3.70 9.87 12.47
N ASN A 312 2.67 9.31 11.80
CA ASN A 312 1.65 10.12 11.15
C ASN A 312 0.66 10.73 12.15
N PHE A 313 0.58 10.17 13.37
CA PHE A 313 -0.26 10.71 14.40
C PHE A 313 0.57 11.34 15.51
N ASP A 314 1.85 11.57 15.27
CA ASP A 314 2.71 12.16 16.26
C ASP A 314 2.28 13.68 16.39
N PRO A 315 1.75 14.07 17.55
CA PRO A 315 1.29 15.46 17.77
C PRO A 315 2.42 16.48 17.76
N GLU A 316 3.67 16.03 17.94
CA GLU A 316 4.82 16.99 17.83
C GLU A 316 5.10 17.40 16.39
N HIS A 317 4.67 16.61 15.40
CA HIS A 317 4.83 16.96 14.00
C HIS A 317 3.52 17.40 13.35
N PHE A 318 2.38 16.83 13.78
CA PHE A 318 1.10 17.09 13.19
C PHE A 318 0.11 17.43 14.33
N PRO A 319 0.02 18.69 14.74
CA PRO A 319 -0.83 18.95 15.93
C PRO A 319 -2.30 18.61 15.72
N ASN A 320 -3.00 18.24 16.79
CA ASN A 320 -4.37 17.66 16.67
C ASN A 320 -4.34 16.56 15.62
N PRO A 321 -3.52 15.49 15.88
CA PRO A 321 -3.24 14.50 14.78
C PRO A 321 -4.43 13.71 14.29
N GLY A 322 -5.46 13.53 15.12
CA GLY A 322 -6.61 12.69 14.72
C GLY A 322 -7.63 13.46 13.91
N SER A 323 -7.42 14.80 13.77
CA SER A 323 -8.32 15.65 12.96
C SER A 323 -7.82 15.86 11.50
N ILE A 324 -8.69 15.70 10.50
CA ILE A 324 -8.40 15.99 9.12
C ILE A 324 -8.51 17.55 8.99
N GLU A 325 -7.37 18.20 8.73
CA GLU A 325 -7.32 19.69 8.58
C GLU A 325 -6.68 19.94 7.26
N LEU A 326 -7.40 20.65 6.42
CA LEU A 326 -7.00 20.82 5.04
C LEU A 326 -5.96 21.97 4.84
N ASP A 327 -5.58 22.66 5.90
CA ASP A 327 -4.67 23.82 5.81
C ASP A 327 -3.43 23.64 6.64
N ARG A 328 -2.90 22.41 6.74
CA ARG A 328 -1.71 22.20 7.51
C ARG A 328 -0.52 22.81 6.74
N PRO A 329 0.50 23.28 7.44
CA PRO A 329 1.64 23.84 6.68
C PRO A 329 2.63 22.78 6.12
N ASN A 330 2.48 21.50 6.54
CA ASN A 330 3.41 20.43 6.18
C ASN A 330 2.63 19.21 5.68
N PRO A 331 1.65 19.45 4.79
CA PRO A 331 0.62 18.43 4.44
C PRO A 331 1.18 17.17 3.75
N THR A 332 2.31 17.21 3.00
CA THR A 332 2.78 15.98 2.32
C THR A 332 3.95 15.38 3.11
N SER A 333 4.21 15.89 4.31
CA SER A 333 5.36 15.44 5.10
C SER A 333 5.06 14.15 5.90
N HIS A 334 3.88 13.58 5.71
CA HIS A 334 3.54 12.27 6.32
C HIS A 334 4.39 11.19 5.67
N LEU A 335 4.35 10.02 6.30
CA LEU A 335 5.09 8.83 5.86
C LEU A 335 4.20 7.77 5.23
N ALA A 336 3.02 8.12 4.71
CA ALA A 336 2.16 7.08 4.10
C ALA A 336 2.80 6.37 2.91
N PHE A 337 3.75 7.01 2.22
CA PHE A 337 4.47 6.40 1.07
C PHE A 337 5.90 6.05 1.44
N GLY A 338 6.17 6.07 2.75
CA GLY A 338 7.50 5.75 3.22
C GLY A 338 8.41 6.99 3.12
N ARG A 339 9.71 6.76 3.10
CA ARG A 339 10.71 7.88 3.10
C ARG A 339 12.05 7.32 2.77
N GLY A 340 12.86 8.07 2.03
CA GLY A 340 14.31 7.66 1.82
C GLY A 340 14.45 6.76 0.59
N GLN A 341 15.38 5.84 0.65
CA GLN A 341 15.78 5.00 -0.48
C GLN A 341 14.58 4.22 -1.10
N HIS A 342 13.65 3.79 -0.24
CA HIS A 342 12.53 2.95 -0.67
C HIS A 342 11.17 3.67 -0.79
N PHE A 343 11.18 5.03 -0.84
CA PHE A 343 9.97 5.82 -1.04
C PHE A 343 9.13 5.23 -2.18
N CYS A 344 7.81 5.11 -1.96
CA CYS A 344 6.91 4.44 -2.95
C CYS A 344 7.09 4.98 -4.41
N PRO A 345 7.42 4.13 -5.38
CA PRO A 345 7.55 4.61 -6.71
C PRO A 345 6.18 4.82 -7.37
N GLY A 346 5.06 4.42 -6.74
CA GLY A 346 3.76 4.64 -7.37
C GLY A 346 2.95 5.75 -6.74
N SER A 347 3.61 6.61 -5.99
CA SER A 347 2.89 7.55 -5.16
C SER A 347 1.91 8.46 -5.92
N ALA A 348 2.34 8.96 -7.06
CA ALA A 348 1.52 9.90 -7.88
C ALA A 348 0.30 9.17 -8.40
N LEU A 349 0.49 7.93 -8.78
CA LEU A 349 -0.59 7.06 -9.25
C LEU A 349 -1.57 6.76 -8.13
N GLY A 350 -1.04 6.39 -6.94
CA GLY A 350 -1.90 6.16 -5.78
C GLY A 350 -2.72 7.37 -5.38
N ARG A 351 -2.12 8.55 -5.38
CA ARG A 351 -2.86 9.80 -5.14
C ARG A 351 -3.98 10.00 -6.15
N ARG A 352 -3.66 9.84 -7.44
CA ARG A 352 -4.64 10.09 -8.45
C ARG A 352 -5.78 9.06 -8.45
N HIS A 353 -5.47 7.79 -8.17
CA HIS A 353 -6.51 6.75 -8.05
C HIS A 353 -7.52 7.18 -7.01
N ALA A 354 -7.03 7.65 -5.86
CA ALA A 354 -7.88 7.95 -4.73
C ALA A 354 -8.67 9.23 -5.03
N GLN A 355 -7.99 10.27 -5.54
CA GLN A 355 -8.66 11.51 -5.94
C GLN A 355 -9.84 11.31 -6.86
N ILE A 356 -9.61 10.56 -7.92
CA ILE A 356 -10.61 10.34 -8.92
C ILE A 356 -11.71 9.42 -8.40
N GLY A 357 -11.36 8.35 -7.69
CA GLY A 357 -12.42 7.52 -7.03
C GLY A 357 -13.33 8.32 -6.09
N ILE A 358 -12.76 9.18 -5.28
CA ILE A 358 -13.56 9.92 -4.32
C ILE A 358 -14.40 10.98 -5.08
N GLU A 359 -13.79 11.66 -6.04
CA GLU A 359 -14.53 12.65 -6.85
C GLU A 359 -15.77 12.03 -7.49
N ALA A 360 -15.61 10.85 -8.07
CA ALA A 360 -16.69 10.16 -8.77
C ALA A 360 -17.75 9.75 -7.75
N LEU A 361 -17.29 9.30 -6.60
CA LEU A 361 -18.25 8.77 -5.59
C LEU A 361 -19.06 9.88 -5.00
N LEU A 362 -18.43 10.99 -4.69
CA LEU A 362 -19.19 12.13 -4.18
C LEU A 362 -20.21 12.74 -5.15
N LYS A 363 -19.93 12.64 -6.43
CA LYS A 363 -20.77 13.22 -7.44
C LYS A 363 -21.95 12.26 -7.67
N LYS A 364 -21.70 10.96 -7.77
CA LYS A 364 -22.75 9.96 -8.01
C LYS A 364 -23.59 9.59 -6.75
N MET A 365 -22.97 9.67 -5.57
CA MET A 365 -23.60 9.20 -4.32
C MET A 365 -23.36 10.18 -3.24
N PRO A 366 -23.91 11.41 -3.41
CA PRO A 366 -23.64 12.41 -2.39
C PRO A 366 -24.21 12.07 -1.01
N GLY A 367 -25.21 11.21 -0.99
CA GLY A 367 -25.80 10.75 0.27
C GLY A 367 -25.18 9.45 0.85
N VAL A 368 -24.02 9.04 0.36
CA VAL A 368 -23.40 7.81 0.80
C VAL A 368 -23.22 7.70 2.32
N ASP A 369 -23.62 6.54 2.88
CA ASP A 369 -23.45 6.31 4.31
C ASP A 369 -23.26 4.82 4.55
N LEU A 370 -22.66 4.45 5.66
CA LEU A 370 -22.61 3.01 6.02
C LEU A 370 -24.01 2.44 6.11
N ALA A 371 -24.20 1.23 5.62
CA ALA A 371 -25.48 0.58 5.75
C ALA A 371 -25.57 -0.41 6.94
N VAL A 372 -24.43 -0.56 7.63
CA VAL A 372 -24.31 -1.34 8.86
C VAL A 372 -23.56 -0.54 9.90
N PRO A 373 -23.82 -0.79 11.21
CA PRO A 373 -23.03 -0.18 12.25
C PRO A 373 -21.53 -0.44 12.03
N ILE A 374 -20.72 0.57 12.32
CA ILE A 374 -19.31 0.45 11.94
C ILE A 374 -18.62 -0.76 12.61
N ASP A 375 -19.07 -1.12 13.81
CA ASP A 375 -18.51 -2.28 14.49
C ASP A 375 -18.76 -3.62 13.75
N GLN A 376 -19.72 -3.64 12.83
CA GLN A 376 -20.01 -4.85 12.03
C GLN A 376 -19.08 -5.13 10.86
N LEU A 377 -18.21 -4.16 10.51
CA LEU A 377 -17.17 -4.41 9.53
C LEU A 377 -16.17 -5.52 10.02
N VAL A 378 -15.81 -6.44 9.14
CA VAL A 378 -15.02 -7.61 9.47
C VAL A 378 -13.60 -7.36 9.00
N TRP A 379 -12.65 -7.16 9.90
CA TRP A 379 -11.29 -6.78 9.55
C TRP A 379 -10.42 -7.99 9.22
N ARG A 380 -9.76 -7.97 8.06
CA ARG A 380 -8.93 -9.07 7.63
C ARG A 380 -7.74 -9.18 8.57
N THR A 381 -7.44 -10.40 9.04
CA THR A 381 -6.33 -10.66 9.99
C THR A 381 -5.11 -11.27 9.31
N ARG A 382 -3.97 -11.23 9.98
CA ARG A 382 -2.71 -11.82 9.48
C ARG A 382 -2.43 -11.42 8.03
N PHE A 383 -2.55 -10.11 7.76
CA PHE A 383 -2.47 -9.58 6.42
C PHE A 383 -1.56 -8.35 6.44
N GLN A 384 -0.92 -7.99 5.31
CA GLN A 384 -0.01 -6.87 5.31
C GLN A 384 -0.76 -5.54 5.22
N ARG A 385 -2.06 -5.59 4.96
CA ARG A 385 -2.92 -4.44 4.96
C ARG A 385 -4.11 -4.65 5.87
N ARG A 386 -4.69 -3.54 6.33
CA ARG A 386 -5.89 -3.59 7.16
C ARG A 386 -7.05 -3.24 6.23
N ILE A 387 -8.01 -4.14 6.11
CA ILE A 387 -9.14 -3.94 5.17
C ILE A 387 -10.37 -4.67 5.67
N PRO A 388 -11.56 -4.04 5.46
CA PRO A 388 -12.80 -4.68 5.82
C PRO A 388 -13.14 -5.69 4.72
N GLU A 389 -13.61 -6.90 5.04
CA GLU A 389 -13.86 -7.91 4.05
C GLU A 389 -14.94 -7.42 3.03
N ARG A 390 -15.95 -6.69 3.54
CA ARG A 390 -17.01 -6.03 2.80
C ARG A 390 -17.24 -4.62 3.36
N LEU A 391 -17.62 -3.69 2.52
CA LEU A 391 -17.89 -2.34 2.95
C LEU A 391 -19.36 -1.92 2.53
N PRO A 392 -20.39 -2.32 3.34
CA PRO A 392 -21.78 -2.12 2.86
C PRO A 392 -22.23 -0.67 3.08
N VAL A 393 -22.79 -0.06 2.05
CA VAL A 393 -23.18 1.35 2.07
C VAL A 393 -24.55 1.47 1.48
N LEU A 394 -25.24 2.57 1.82
CA LEU A 394 -26.47 2.95 1.13
C LEU A 394 -26.30 4.45 0.74
N TRP A 395 -27.26 5.06 0.06
CA TRP A 395 -27.02 6.41 -0.45
C TRP A 395 -28.36 7.12 -0.70
#